data_3RYB
#
_entry.id   3RYB
#
_cell.length_a   42.379
_cell.length_b   58.921
_cell.length_c   61.404
_cell.angle_alpha   100.660
_cell.angle_beta   101.310
_cell.angle_gamma   103.450
#
_symmetry.space_group_name_H-M   'P 1'
#
loop_
_entity.id
_entity.type
_entity.pdbx_description
1 polymer 'Oligopeptide-binding protein oppA'
2 polymer Oligopeptide
3 water water
#
loop_
_entity_poly.entity_id
_entity_poly.type
_entity_poly.pdbx_seq_one_letter_code
_entity_poly.pdbx_strand_id
1 'polypeptide(L)'
;MGSNQSSSTSTKKLKAGNFDVAYQNPDKAIKGGNLKVAYQSDSPMKAQWLSGLSNDATFATMSGPGGGQDGLFFTDSGFK
FIKGGAADVALDKESKTATITLRKDLKWSDGSEVTAKDYEFTYETIANPAYGSDRWTDSLANIVGLSDYHTGKAKTISGI
TFPDGENGKVIKVQFKEMKPGMTQSGNGYFLETVAPYQYLKDVAPKDLASSPKTTTKPLVTGPFKPENVVAGESIKYVPN
PYYWGEKPKLNSITYEVVSTAKSVAALSSSKYDIINGMVSSQYKQVKNLKGYKVLGQQAMYISLMYYNLGHYDAKNSINV
QDRKTPLQDQNVRQAIGYARNVAEVDNKFSNGLSTPANSLIPPIFKQFTSSSVKGYEKQDLDKANKLLDEDGWKLNKSTG
YREKDGKELSLVYAARVGDANAETIAQNYIQQWKKIGVKVSLYNGKLMEFNSWVDHMTTPPGANDWDITDGSWSLASEPS
QQDLFSAAAPYNFGHFNDSEITKDLNDIDSAKSENPTYRKAAFVKYQEDMNKKAYVIPTNFMLNYTPVNKRVVGMTLDYG
AMNTWSEIGVSSAKLATKGSIEGRHHHHHH
;
A
2 'polypeptide(L)' SLSQSLSQS B
#
# COMPACT_ATOMS: atom_id res chain seq x y z
N LYS A 13 -2.90 20.34 -18.65
CA LYS A 13 -1.45 20.38 -18.28
C LYS A 13 -1.19 19.57 -17.01
N LEU A 14 -0.50 18.44 -17.15
CA LEU A 14 -0.11 17.63 -15.99
C LEU A 14 1.12 18.28 -15.34
N LYS A 15 1.07 18.47 -14.02
CA LYS A 15 2.24 18.98 -13.29
C LYS A 15 3.34 17.93 -13.31
N ALA A 16 4.58 18.37 -13.28
CA ALA A 16 5.71 17.46 -13.27
C ALA A 16 6.32 17.53 -11.88
N GLY A 17 7.19 16.58 -11.55
CA GLY A 17 7.95 16.65 -10.31
C GLY A 17 8.65 17.98 -10.01
N ASN A 18 8.29 19.07 -10.70
CA ASN A 18 8.75 20.44 -10.36
C ASN A 18 8.04 21.04 -9.11
N PHE A 19 7.99 20.22 -8.09
CA PHE A 19 7.74 20.62 -6.72
C PHE A 19 9.11 20.52 -6.09
N ASP A 20 9.27 21.10 -4.91
CA ASP A 20 10.46 20.84 -4.09
C ASP A 20 10.17 19.63 -3.19
N VAL A 21 11.15 18.75 -3.02
CA VAL A 21 10.98 17.65 -2.07
C VAL A 21 11.26 18.08 -0.61
N ALA A 22 12.02 19.17 -0.44
CA ALA A 22 12.41 19.65 0.90
C ALA A 22 11.98 21.10 1.11
N TYR A 23 11.65 21.43 2.36
CA TYR A 23 11.50 22.82 2.80
C TYR A 23 12.76 23.17 3.56
N GLN A 24 13.67 23.83 2.86
CA GLN A 24 14.94 24.21 3.43
C GLN A 24 14.71 25.51 4.19
N ASN A 25 14.56 25.37 5.50
CA ASN A 25 14.19 26.47 6.39
C ASN A 25 15.47 27.12 6.93
N PRO A 26 15.65 28.43 6.72
CA PRO A 26 16.83 29.10 7.25
C PRO A 26 16.78 29.43 8.76
N ASP A 27 15.60 29.36 9.37
CA ASP A 27 15.44 29.62 10.82
C ASP A 27 15.89 28.40 11.64
N LYS A 28 16.55 28.63 12.78
CA LYS A 28 17.03 27.53 13.60
C LYS A 28 15.89 26.86 14.34
N ALA A 29 16.03 25.55 14.57
CA ALA A 29 15.05 24.82 15.35
C ALA A 29 15.31 25.05 16.83
N ILE A 30 14.24 25.19 17.60
CA ILE A 30 14.34 25.33 19.05
C ILE A 30 14.64 23.99 19.70
N LYS A 31 15.03 24.02 20.97
CA LYS A 31 15.06 22.81 21.78
C LYS A 31 13.66 22.57 22.33
N GLY A 32 13.06 21.46 21.95
CA GLY A 32 11.67 21.13 22.30
C GLY A 32 10.70 21.43 21.19
N GLY A 33 9.47 21.79 21.56
CA GLY A 33 8.44 22.07 20.59
C GLY A 33 7.47 20.91 20.46
N ASN A 34 6.26 21.25 20.03
CA ASN A 34 5.16 20.30 19.90
C ASN A 34 4.61 20.34 18.48
N LEU A 35 5.03 19.36 17.66
CA LEU A 35 4.63 19.29 16.26
C LEU A 35 3.26 18.63 16.15
N LYS A 36 2.42 19.16 15.25
CA LYS A 36 1.06 18.67 15.05
C LYS A 36 0.94 18.15 13.61
N VAL A 37 0.71 16.84 13.45
CA VAL A 37 0.60 16.23 12.14
C VAL A 37 -0.74 15.52 12.03
N ALA A 38 -1.30 15.53 10.82
CA ALA A 38 -2.55 14.82 10.58
C ALA A 38 -2.42 14.00 9.31
N TYR A 39 -3.20 12.92 9.25
CA TYR A 39 -3.40 12.17 8.00
C TYR A 39 -4.85 12.36 7.58
N GLN A 40 -5.07 12.75 6.32
CA GLN A 40 -6.42 12.95 5.83
C GLN A 40 -7.12 11.58 5.67
N SER A 41 -8.16 11.38 6.44
CA SER A 41 -8.90 10.13 6.44
C SER A 41 -10.33 10.37 6.89
N ASP A 42 -11.29 9.95 6.09
CA ASP A 42 -12.69 10.02 6.53
C ASP A 42 -13.08 8.80 7.35
N SER A 43 -12.21 7.80 7.39
N SER A 43 -12.14 7.85 7.41
CA SER A 43 -12.44 6.64 8.24
CA SER A 43 -12.28 6.60 8.15
C SER A 43 -11.57 6.70 9.49
C SER A 43 -11.54 6.71 9.49
N PRO A 44 -12.06 6.09 10.57
CA PRO A 44 -11.31 6.11 11.81
C PRO A 44 -9.94 5.45 11.69
N MET A 45 -9.01 5.95 12.48
CA MET A 45 -7.70 5.34 12.60
C MET A 45 -7.85 3.88 13.02
N LYS A 46 -7.06 3.01 12.42
CA LYS A 46 -7.00 1.60 12.84
C LYS A 46 -5.61 1.31 13.38
N ALA A 47 -5.43 1.53 14.68
CA ALA A 47 -4.12 1.34 15.28
C ALA A 47 -3.73 -0.13 15.34
N GLN A 48 -2.67 -0.50 14.64
CA GLN A 48 -2.14 -1.82 14.69
C GLN A 48 -0.65 -1.69 14.46
N TRP A 49 0.12 -1.95 15.51
CA TRP A 49 1.57 -1.67 15.52
C TRP A 49 2.40 -2.78 14.94
N LEU A 50 1.79 -3.95 14.72
CA LEU A 50 2.48 -5.06 14.07
C LEU A 50 2.24 -5.01 12.58
N SER A 51 3.33 -4.88 11.82
N SER A 51 3.32 -4.89 11.81
CA SER A 51 3.25 -4.77 10.36
CA SER A 51 3.25 -4.77 10.34
C SER A 51 2.46 -5.91 9.71
C SER A 51 2.48 -5.90 9.69
N GLY A 52 2.64 -7.11 10.21
CA GLY A 52 2.01 -8.28 9.60
C GLY A 52 0.50 -8.30 9.74
N LEU A 53 -0.02 -7.57 10.72
CA LEU A 53 -1.44 -7.57 11.01
C LEU A 53 -2.17 -6.32 10.53
N SER A 54 -1.44 -5.44 9.86
CA SER A 54 -1.98 -4.15 9.42
C SER A 54 -1.96 -4.09 7.89
N ASN A 55 -3.07 -3.65 7.29
CA ASN A 55 -3.21 -3.60 5.84
C ASN A 55 -3.31 -2.19 5.23
N ASP A 56 -3.39 -1.15 6.05
CA ASP A 56 -3.78 0.17 5.52
C ASP A 56 -2.67 1.20 5.59
N ALA A 57 -2.69 2.07 4.60
CA ALA A 57 -1.66 3.09 4.40
C ALA A 57 -1.74 4.16 5.47
N THR A 58 -2.98 4.47 5.89
CA THR A 58 -3.17 5.54 6.87
C THR A 58 -2.38 5.25 8.14
N PHE A 59 -2.61 4.09 8.76
CA PHE A 59 -1.87 3.79 9.98
C PHE A 59 -0.37 3.53 9.75
N ALA A 60 0.00 2.89 8.64
CA ALA A 60 1.41 2.74 8.34
C ALA A 60 2.11 4.10 8.37
N THR A 61 1.47 5.13 7.81
CA THR A 61 2.04 6.48 7.82
C THR A 61 2.04 7.05 9.24
N MET A 62 0.93 6.92 9.96
CA MET A 62 0.83 7.52 11.30
C MET A 62 1.82 6.91 12.30
N SER A 63 2.25 5.68 12.03
CA SER A 63 3.22 4.96 12.87
C SER A 63 4.67 5.41 12.67
N GLY A 64 4.90 6.31 11.74
CA GLY A 64 6.25 6.72 11.36
C GLY A 64 7.15 7.16 12.53
N PRO A 65 6.69 8.13 13.34
CA PRO A 65 7.54 8.55 14.49
C PRO A 65 7.92 7.43 15.46
N GLY A 66 7.06 6.41 15.56
CA GLY A 66 7.31 5.23 16.38
C GLY A 66 8.23 4.17 15.80
N GLY A 67 8.72 4.43 14.58
CA GLY A 67 9.57 3.50 13.86
C GLY A 67 8.93 2.86 12.63
N GLY A 68 7.70 3.26 12.30
CA GLY A 68 7.06 2.79 11.07
C GLY A 68 6.72 1.30 11.16
N GLN A 69 6.13 0.91 12.29
CA GLN A 69 5.86 -0.51 12.61
C GLN A 69 7.18 -1.28 12.69
N ASP A 70 8.16 -0.62 13.27
CA ASP A 70 9.44 -1.22 13.65
C ASP A 70 10.26 -1.77 12.47
N GLY A 71 10.33 -0.95 11.44
CA GLY A 71 11.24 -1.18 10.31
C GLY A 71 12.70 -1.19 10.73
N LEU A 72 13.48 -2.04 10.08
CA LEU A 72 14.83 -2.33 10.52
C LEU A 72 15.90 -1.64 9.70
N PHE A 73 15.65 -1.47 8.39
CA PHE A 73 16.75 -1.12 7.46
C PHE A 73 16.71 0.28 6.91
N PHE A 74 17.86 0.92 6.89
CA PHE A 74 18.03 2.19 6.18
C PHE A 74 18.21 1.89 4.67
N THR A 75 17.85 2.87 3.86
CA THR A 75 18.04 2.77 2.43
C THR A 75 18.58 4.10 1.87
N ASP A 76 19.01 4.06 0.61
CA ASP A 76 19.24 5.28 -0.17
C ASP A 76 17.93 5.75 -0.80
N SER A 77 18.00 6.80 -1.61
CA SER A 77 16.83 7.38 -2.22
C SER A 77 16.19 6.52 -3.29
N GLY A 78 16.94 5.52 -3.75
CA GLY A 78 16.43 4.49 -4.65
C GLY A 78 15.95 3.22 -3.94
N PHE A 79 15.82 3.32 -2.62
CA PHE A 79 15.32 2.26 -1.75
C PHE A 79 16.30 1.10 -1.58
N LYS A 80 17.54 1.24 -2.06
CA LYS A 80 18.53 0.17 -1.87
C LYS A 80 18.98 0.16 -0.42
N PHE A 81 19.04 -1.04 0.17
CA PHE A 81 19.48 -1.18 1.57
C PHE A 81 20.87 -0.60 1.73
N ILE A 82 21.06 0.14 2.82
CA ILE A 82 22.39 0.57 3.23
C ILE A 82 22.62 0.13 4.66
N LYS A 83 23.85 0.25 5.13
CA LYS A 83 24.19 -0.05 6.51
C LYS A 83 23.85 1.12 7.41
N GLY A 84 23.65 0.83 8.69
CA GLY A 84 23.61 1.84 9.74
C GLY A 84 22.24 2.10 10.36
N GLY A 85 21.19 1.42 9.88
CA GLY A 85 19.85 1.49 10.51
C GLY A 85 19.77 0.65 11.77
N ALA A 86 18.56 0.31 12.21
CA ALA A 86 18.41 -0.53 13.39
C ALA A 86 19.06 -1.89 13.17
N ALA A 87 19.14 -2.32 11.92
CA ALA A 87 19.79 -3.57 11.56
C ALA A 87 20.43 -3.43 10.18
N ASP A 88 21.39 -4.30 9.87
CA ASP A 88 21.98 -4.41 8.53
C ASP A 88 21.58 -5.77 7.94
N VAL A 89 21.55 -5.84 6.61
CA VAL A 89 21.32 -7.08 5.90
C VAL A 89 22.42 -7.31 4.85
N ALA A 90 22.90 -8.54 4.82
CA ALA A 90 23.91 -8.97 3.84
C ALA A 90 23.42 -10.18 3.08
N LEU A 91 23.58 -10.18 1.77
CA LEU A 91 23.19 -11.32 0.94
C LEU A 91 24.40 -12.15 0.57
N ASP A 92 24.20 -13.45 0.46
CA ASP A 92 25.20 -14.36 -0.13
C ASP A 92 24.55 -15.17 -1.25
N LYS A 93 24.95 -14.87 -2.49
CA LYS A 93 24.38 -15.47 -3.69
C LYS A 93 24.47 -17.00 -3.72
N GLU A 94 25.65 -17.57 -3.48
CA GLU A 94 25.83 -19.00 -3.73
C GLU A 94 25.21 -19.89 -2.65
N SER A 95 25.17 -19.44 -1.40
CA SER A 95 24.38 -20.14 -0.36
C SER A 95 22.89 -19.88 -0.45
N LYS A 96 22.50 -18.84 -1.19
CA LYS A 96 21.09 -18.39 -1.30
C LYS A 96 20.54 -17.96 0.08
N THR A 97 21.26 -17.10 0.77
CA THR A 97 20.88 -16.66 2.12
C THR A 97 20.93 -15.13 2.30
N ALA A 98 20.16 -14.65 3.28
CA ALA A 98 20.33 -13.31 3.83
C ALA A 98 20.71 -13.43 5.29
N THR A 99 21.65 -12.59 5.75
CA THR A 99 22.01 -12.51 7.16
C THR A 99 21.64 -11.14 7.65
N ILE A 100 20.78 -11.09 8.69
CA ILE A 100 20.30 -9.86 9.29
C ILE A 100 21.00 -9.72 10.64
N THR A 101 21.66 -8.57 10.85
CA THR A 101 22.38 -8.31 12.10
C THR A 101 21.75 -7.10 12.78
N LEU A 102 21.08 -7.34 13.90
CA LEU A 102 20.47 -6.27 14.68
C LEU A 102 21.56 -5.54 15.44
N ARG A 103 21.43 -4.22 15.59
CA ARG A 103 22.39 -3.45 16.41
C ARG A 103 22.49 -3.99 17.84
N LYS A 104 23.69 -3.97 18.38
CA LYS A 104 23.91 -4.36 19.79
C LYS A 104 23.05 -3.56 20.76
N ASP A 105 22.78 -2.28 20.45
CA ASP A 105 22.00 -1.43 21.34
C ASP A 105 20.56 -1.16 20.89
N LEU A 106 20.04 -2.05 20.05
CA LEU A 106 18.65 -1.95 19.67
C LEU A 106 17.77 -2.46 20.82
N LYS A 107 16.90 -1.58 21.30
CA LYS A 107 15.99 -1.87 22.42
C LYS A 107 14.54 -1.51 22.06
N TRP A 108 13.62 -2.17 22.77
CA TRP A 108 12.22 -1.79 22.80
C TRP A 108 12.03 -0.62 23.74
N SER A 109 10.87 0.01 23.66
CA SER A 109 10.58 1.23 24.42
C SER A 109 10.36 1.00 25.93
N ASP A 110 10.25 -0.26 26.35
CA ASP A 110 10.28 -0.62 27.78
C ASP A 110 11.72 -0.84 28.29
N GLY A 111 12.70 -0.68 27.40
CA GLY A 111 14.11 -0.88 27.73
C GLY A 111 14.62 -2.29 27.52
N SER A 112 13.74 -3.24 27.15
CA SER A 112 14.17 -4.62 26.86
C SER A 112 14.94 -4.71 25.53
N GLU A 113 15.69 -5.80 25.35
CA GLU A 113 16.51 -5.99 24.15
C GLU A 113 15.70 -6.43 22.93
N VAL A 114 16.00 -5.88 21.76
CA VAL A 114 15.49 -6.49 20.53
C VAL A 114 16.46 -7.61 20.15
N THR A 115 15.93 -8.82 20.00
CA THR A 115 16.76 -9.99 19.70
C THR A 115 16.31 -10.73 18.45
N ALA A 116 17.09 -11.73 18.06
CA ALA A 116 16.84 -12.52 16.85
C ALA A 116 15.43 -13.09 16.82
N LYS A 117 14.95 -13.56 17.96
CA LYS A 117 13.60 -14.13 18.06
C LYS A 117 12.53 -13.11 17.67
N ASP A 118 12.73 -11.84 18.00
CA ASP A 118 11.77 -10.78 17.64
C ASP A 118 11.62 -10.64 16.12
N TYR A 119 12.70 -10.91 15.40
CA TYR A 119 12.66 -10.86 13.95
C TYR A 119 11.94 -12.09 13.37
N GLU A 120 12.28 -13.27 13.87
CA GLU A 120 11.61 -14.49 13.42
C GLU A 120 10.12 -14.39 13.74
N PHE A 121 9.77 -13.76 14.86
CA PHE A 121 8.38 -13.76 15.28
C PHE A 121 7.51 -13.00 14.28
N THR A 122 8.07 -11.97 13.64
CA THR A 122 7.34 -11.30 12.56
C THR A 122 6.83 -12.31 11.55
N TYR A 123 7.68 -13.26 11.18
CA TYR A 123 7.31 -14.24 10.18
C TYR A 123 6.15 -15.09 10.70
N GLU A 124 6.17 -15.46 11.98
CA GLU A 124 5.04 -16.22 12.53
C GLU A 124 3.74 -15.45 12.52
N THR A 125 3.78 -14.14 12.82
CA THR A 125 2.54 -13.36 12.84
C THR A 125 1.83 -13.36 11.47
N ILE A 126 2.59 -13.49 10.38
CA ILE A 126 2.04 -13.56 9.02
C ILE A 126 1.74 -15.00 8.57
N ALA A 127 2.67 -15.92 8.84
CA ALA A 127 2.62 -17.26 8.28
C ALA A 127 1.77 -18.25 9.07
N ASN A 128 1.66 -18.06 10.38
CA ASN A 128 0.78 -18.90 11.22
C ASN A 128 -0.62 -18.38 11.07
N PRO A 129 -1.52 -19.18 10.46
CA PRO A 129 -2.84 -18.58 10.19
C PRO A 129 -3.66 -18.26 11.43
N ALA A 130 -3.24 -18.77 12.59
CA ALA A 130 -3.96 -18.48 13.85
C ALA A 130 -4.02 -16.97 14.17
N TYR A 131 -3.10 -16.15 13.67
CA TYR A 131 -3.17 -14.70 13.91
C TYR A 131 -4.14 -13.95 12.98
N GLY A 132 -4.59 -14.60 11.92
CA GLY A 132 -5.51 -13.96 10.98
C GLY A 132 -4.92 -12.93 10.05
N SER A 133 -3.60 -12.97 9.83
CA SER A 133 -3.00 -12.06 8.89
C SER A 133 -3.54 -12.21 7.46
N ASP A 134 -3.59 -11.12 6.73
CA ASP A 134 -3.91 -11.12 5.30
C ASP A 134 -2.68 -10.97 4.41
N ARG A 135 -1.48 -11.11 5.00
CA ARG A 135 -0.25 -10.83 4.28
C ARG A 135 0.55 -12.04 3.83
N TRP A 136 -0.04 -13.23 3.82
CA TRP A 136 0.60 -14.34 3.13
C TRP A 136 0.75 -14.02 1.67
N THR A 137 1.90 -14.44 1.12
N THR A 137 1.87 -14.49 1.14
CA THR A 137 2.31 -14.18 -0.25
CA THR A 137 2.20 -14.20 -0.25
C THR A 137 3.06 -15.38 -0.79
C THR A 137 3.08 -15.36 -0.80
N ASP A 138 3.06 -15.56 -2.11
CA ASP A 138 4.01 -16.51 -2.71
C ASP A 138 5.46 -16.08 -2.53
N SER A 139 5.71 -14.79 -2.31
CA SER A 139 7.08 -14.34 -2.05
C SER A 139 7.62 -15.03 -0.80
N LEU A 140 6.78 -15.18 0.21
CA LEU A 140 7.20 -15.84 1.47
C LEU A 140 7.40 -17.33 1.29
N ALA A 141 6.71 -17.94 0.32
CA ALA A 141 6.86 -19.36 0.04
C ALA A 141 8.27 -19.74 -0.44
N ASN A 142 9.06 -18.74 -0.81
CA ASN A 142 10.45 -18.91 -1.28
C ASN A 142 11.46 -19.07 -0.12
N ILE A 143 11.00 -18.92 1.12
CA ILE A 143 11.85 -19.18 2.30
C ILE A 143 11.72 -20.65 2.63
N VAL A 144 12.85 -21.35 2.70
CA VAL A 144 12.85 -22.78 2.98
C VAL A 144 12.08 -23.07 4.27
N GLY A 145 11.15 -24.01 4.19
CA GLY A 145 10.38 -24.43 5.36
C GLY A 145 9.18 -23.57 5.68
N LEU A 146 9.07 -22.37 5.09
CA LEU A 146 8.02 -21.45 5.53
C LEU A 146 6.64 -21.86 5.04
N SER A 147 6.54 -22.42 3.84
CA SER A 147 5.27 -22.96 3.33
C SER A 147 4.77 -24.08 4.24
N ASP A 148 5.66 -24.99 4.61
CA ASP A 148 5.28 -26.10 5.50
C ASP A 148 4.87 -25.62 6.89
N TYR A 149 5.50 -24.57 7.40
CA TYR A 149 5.05 -23.94 8.64
C TYR A 149 3.66 -23.34 8.45
N HIS A 150 3.45 -22.67 7.32
CA HIS A 150 2.21 -21.98 7.03
C HIS A 150 1.02 -22.90 6.98
N THR A 151 1.22 -24.12 6.48
CA THR A 151 0.12 -25.11 6.39
C THR A 151 0.00 -25.99 7.64
N GLY A 152 0.89 -25.80 8.62
CA GLY A 152 0.91 -26.60 9.84
C GLY A 152 1.61 -27.93 9.72
N LYS A 153 2.27 -28.19 8.58
CA LYS A 153 3.02 -29.42 8.40
C LYS A 153 4.26 -29.47 9.31
N ALA A 154 4.87 -28.30 9.51
CA ALA A 154 5.99 -28.13 10.44
C ALA A 154 5.62 -27.13 11.53
N LYS A 155 6.13 -27.36 12.73
CA LYS A 155 5.88 -26.47 13.87
C LYS A 155 6.89 -25.33 14.01
N THR A 156 7.97 -25.36 13.21
CA THR A 156 8.97 -24.29 13.21
C THR A 156 9.24 -23.93 11.75
N ILE A 157 10.02 -22.88 11.53
CA ILE A 157 10.40 -22.46 10.17
C ILE A 157 11.85 -22.88 9.97
N SER A 158 12.07 -23.96 9.22
CA SER A 158 13.41 -24.55 9.10
C SER A 158 14.45 -23.64 8.46
N GLY A 159 14.00 -22.75 7.58
CA GLY A 159 14.87 -21.83 6.86
C GLY A 159 15.29 -20.61 7.65
N ILE A 160 14.78 -20.44 8.86
CA ILE A 160 15.18 -19.32 9.70
C ILE A 160 15.97 -19.87 10.89
N THR A 161 17.24 -19.45 11.00
CA THR A 161 18.11 -19.94 12.08
C THR A 161 18.78 -18.78 12.82
N PHE A 162 19.36 -19.04 13.98
CA PHE A 162 19.92 -17.99 14.83
C PHE A 162 21.38 -18.34 15.17
N PRO A 163 22.36 -17.80 14.42
CA PRO A 163 23.75 -18.15 14.72
C PRO A 163 24.19 -17.95 16.18
N ASP A 164 23.62 -16.98 16.88
CA ASP A 164 23.95 -16.74 18.30
C ASP A 164 22.75 -16.92 19.23
N GLY A 165 21.83 -17.80 18.81
CA GLY A 165 20.64 -18.14 19.58
C GLY A 165 19.52 -17.13 19.48
N GLU A 166 18.37 -17.49 20.04
CA GLU A 166 17.18 -16.64 20.01
C GLU A 166 17.39 -15.30 20.68
N ASN A 167 18.25 -15.24 21.70
CA ASN A 167 18.53 -14.00 22.38
C ASN A 167 19.79 -13.29 21.88
N GLY A 168 20.39 -13.81 20.81
CA GLY A 168 21.44 -13.09 20.07
C GLY A 168 20.88 -12.01 19.14
N LYS A 169 21.74 -11.49 18.27
CA LYS A 169 21.39 -10.38 17.37
C LYS A 169 21.42 -10.73 15.88
N VAL A 170 21.66 -12.00 15.55
CA VAL A 170 21.86 -12.43 14.17
C VAL A 170 20.80 -13.45 13.73
N ILE A 171 20.22 -13.23 12.54
CA ILE A 171 19.29 -14.18 11.93
C ILE A 171 19.73 -14.49 10.50
N LYS A 172 19.72 -15.77 10.15
CA LYS A 172 19.96 -16.23 8.79
C LYS A 172 18.68 -16.77 8.19
N VAL A 173 18.37 -16.26 6.99
CA VAL A 173 17.20 -16.69 6.24
C VAL A 173 17.66 -17.43 4.98
N GLN A 174 17.19 -18.66 4.80
CA GLN A 174 17.56 -19.49 3.67
C GLN A 174 16.46 -19.45 2.63
N PHE A 175 16.82 -19.15 1.39
CA PHE A 175 15.88 -19.10 0.28
C PHE A 175 16.03 -20.29 -0.65
N LYS A 176 14.94 -20.60 -1.36
CA LYS A 176 14.94 -21.58 -2.45
C LYS A 176 15.71 -21.03 -3.67
N GLU A 177 15.42 -19.76 -3.98
CA GLU A 177 16.12 -19.03 -5.04
C GLU A 177 16.33 -17.59 -4.61
N MET A 178 17.41 -16.97 -5.06
CA MET A 178 17.61 -15.53 -4.84
C MET A 178 16.74 -14.78 -5.85
N LYS A 179 16.40 -13.55 -5.49
CA LYS A 179 15.50 -12.69 -6.28
C LYS A 179 16.17 -11.34 -6.44
N PRO A 180 16.04 -10.72 -7.63
CA PRO A 180 16.82 -9.50 -7.91
C PRO A 180 16.45 -8.33 -7.01
N GLY A 181 15.20 -8.29 -6.57
CA GLY A 181 14.76 -7.22 -5.66
C GLY A 181 15.34 -7.26 -4.26
N MET A 182 16.06 -8.33 -3.92
CA MET A 182 16.57 -8.48 -2.55
C MET A 182 17.55 -7.43 -2.08
N THR A 183 18.12 -6.64 -3.00
CA THR A 183 18.97 -5.50 -2.60
C THR A 183 18.17 -4.26 -2.21
N GLN A 184 16.85 -4.34 -2.30
CA GLN A 184 15.96 -3.19 -2.23
C GLN A 184 14.84 -3.39 -1.21
N SER A 185 14.59 -2.36 -0.41
CA SER A 185 13.47 -2.39 0.53
C SER A 185 12.14 -2.51 -0.19
N GLY A 186 11.23 -3.26 0.39
CA GLY A 186 9.92 -3.55 -0.20
C GLY A 186 9.90 -4.72 -1.15
N ASN A 187 10.98 -5.51 -1.17
CA ASN A 187 11.09 -6.64 -2.09
C ASN A 187 10.09 -7.78 -1.80
N GLY A 188 9.69 -7.90 -0.54
CA GLY A 188 8.69 -8.90 -0.15
C GLY A 188 9.21 -10.34 0.10
N TYR A 189 10.43 -10.62 -0.31
CA TYR A 189 10.99 -11.97 -0.20
C TYR A 189 11.64 -12.22 1.18
N PHE A 190 12.05 -11.14 1.84
CA PHE A 190 12.31 -11.18 3.29
C PHE A 190 11.69 -9.95 3.96
N LEU A 191 11.29 -10.13 5.22
CA LEU A 191 10.60 -9.12 5.99
C LEU A 191 11.58 -8.15 6.64
N GLU A 192 11.05 -6.98 7.01
CA GLU A 192 11.89 -5.87 7.42
C GLU A 192 11.50 -5.30 8.78
N THR A 193 10.71 -6.03 9.58
CA THR A 193 10.25 -5.54 10.85
C THR A 193 10.44 -6.57 11.97
N VAL A 194 10.46 -6.08 13.21
CA VAL A 194 10.51 -6.90 14.41
C VAL A 194 9.19 -6.76 15.19
N ALA A 195 8.88 -7.78 15.97
CA ALA A 195 7.71 -7.82 16.84
C ALA A 195 8.20 -8.24 18.23
N PRO A 196 7.66 -7.64 19.29
CA PRO A 196 8.22 -7.85 20.63
C PRO A 196 7.73 -9.15 21.24
N TYR A 197 8.42 -10.22 20.93
CA TYR A 197 8.01 -11.55 21.36
C TYR A 197 7.86 -11.70 22.88
N GLN A 198 8.78 -11.15 23.65
CA GLN A 198 8.68 -11.32 25.10
C GLN A 198 7.45 -10.62 25.69
N TYR A 199 7.01 -9.53 25.05
CA TYR A 199 5.83 -8.76 25.47
C TYR A 199 4.52 -9.44 25.05
N LEU A 200 4.56 -10.19 23.95
CA LEU A 200 3.36 -10.71 23.26
C LEU A 200 3.17 -12.22 23.34
N LYS A 201 4.14 -12.95 23.87
CA LYS A 201 4.16 -14.42 23.75
C LYS A 201 3.02 -15.15 24.44
N ASP A 202 2.41 -14.55 25.45
CA ASP A 202 1.30 -15.15 26.19
C ASP A 202 -0.09 -14.82 25.66
N VAL A 203 -0.16 -13.90 24.69
CA VAL A 203 -1.41 -13.58 24.00
C VAL A 203 -1.76 -14.71 23.02
N ALA A 204 -2.97 -15.25 23.10
CA ALA A 204 -3.39 -16.28 22.16
C ALA A 204 -3.33 -15.67 20.76
N PRO A 205 -2.81 -16.42 19.75
CA PRO A 205 -2.70 -15.85 18.42
C PRO A 205 -3.97 -15.19 17.89
N LYS A 206 -5.11 -15.85 18.07
CA LYS A 206 -6.39 -15.29 17.61
C LYS A 206 -6.78 -13.97 18.25
N ASP A 207 -6.19 -13.68 19.41
CA ASP A 207 -6.51 -12.47 20.15
C ASP A 207 -5.50 -11.36 19.94
N LEU A 208 -4.44 -11.61 19.16
CA LEU A 208 -3.30 -10.67 19.15
C LEU A 208 -3.66 -9.35 18.46
N ALA A 209 -4.38 -9.44 17.34
CA ALA A 209 -4.75 -8.26 16.57
C ALA A 209 -5.57 -7.26 17.37
N SER A 210 -6.37 -7.73 18.32
CA SER A 210 -7.23 -6.85 19.13
C SER A 210 -6.69 -6.57 20.52
N SER A 211 -5.54 -7.14 20.87
CA SER A 211 -4.94 -6.94 22.17
C SER A 211 -4.56 -5.48 22.38
N PRO A 212 -4.72 -4.97 23.61
CA PRO A 212 -4.15 -3.65 23.87
C PRO A 212 -2.67 -3.56 23.50
N LYS A 213 -1.97 -4.69 23.60
CA LYS A 213 -0.53 -4.71 23.40
C LYS A 213 -0.11 -4.49 21.95
N THR A 214 -1.05 -4.56 21.01
CA THR A 214 -0.72 -4.24 19.60
C THR A 214 -1.49 -3.03 19.08
N THR A 215 -2.20 -2.33 19.96
CA THR A 215 -3.15 -1.28 19.56
C THR A 215 -2.93 0.03 20.37
N THR A 216 -3.33 0.00 21.63
CA THR A 216 -3.26 1.19 22.48
C THR A 216 -1.99 1.23 23.31
N LYS A 217 -1.40 0.07 23.61
CA LYS A 217 -0.25 -0.04 24.51
C LYS A 217 0.89 -0.91 23.89
N PRO A 218 1.43 -0.51 22.74
CA PRO A 218 2.48 -1.31 22.12
C PRO A 218 3.86 -1.02 22.70
N LEU A 219 4.82 -1.89 22.44
CA LEU A 219 6.23 -1.52 22.52
C LEU A 219 6.70 -1.20 21.08
N VAL A 220 7.60 -0.22 20.97
CA VAL A 220 8.15 0.21 19.68
C VAL A 220 9.66 0.37 19.76
N THR A 221 10.29 0.59 18.60
CA THR A 221 11.76 0.77 18.51
C THR A 221 12.20 2.14 18.00
N GLY A 222 11.25 2.99 17.63
CA GLY A 222 11.59 4.22 16.95
C GLY A 222 12.04 5.37 17.84
N PRO A 223 12.28 6.53 17.23
CA PRO A 223 12.77 7.69 18.01
C PRO A 223 11.74 8.25 19.00
N PHE A 224 10.45 8.05 18.70
CA PHE A 224 9.37 8.38 19.63
C PHE A 224 8.61 7.12 20.01
N LYS A 225 7.93 7.18 21.15
CA LYS A 225 7.01 6.15 21.58
C LYS A 225 5.64 6.75 21.75
N PRO A 226 4.60 5.94 21.48
CA PRO A 226 3.23 6.39 21.65
C PRO A 226 2.83 6.35 23.11
N GLU A 227 2.88 7.52 23.76
CA GLU A 227 2.50 7.69 25.17
C GLU A 227 1.02 7.43 25.39
N ASN A 228 0.20 7.86 24.43
CA ASN A 228 -1.24 7.64 24.50
C ASN A 228 -1.75 7.43 23.09
N VAL A 229 -2.71 6.52 22.95
CA VAL A 229 -3.42 6.31 21.71
C VAL A 229 -4.91 6.44 22.02
N VAL A 230 -5.59 7.34 21.32
CA VAL A 230 -7.05 7.40 21.38
C VAL A 230 -7.58 6.64 20.18
N ALA A 231 -8.20 5.49 20.44
CA ALA A 231 -8.65 4.59 19.39
C ALA A 231 -9.49 5.34 18.39
N GLY A 232 -9.22 5.07 17.10
CA GLY A 232 -9.90 5.74 16.00
C GLY A 232 -9.49 7.18 15.69
N GLU A 233 -8.68 7.81 16.55
CA GLU A 233 -8.43 9.26 16.46
C GLU A 233 -6.97 9.71 16.36
N SER A 234 -6.16 9.33 17.35
CA SER A 234 -4.89 10.03 17.53
C SER A 234 -3.84 9.25 18.29
N ILE A 235 -2.60 9.76 18.17
CA ILE A 235 -1.43 9.26 18.89
C ILE A 235 -0.69 10.46 19.47
N LYS A 236 -0.33 10.39 20.76
CA LYS A 236 0.57 11.35 21.38
C LYS A 236 1.95 10.70 21.52
N TYR A 237 2.89 11.20 20.75
CA TYR A 237 4.26 10.69 20.73
C TYR A 237 5.16 11.55 21.61
N VAL A 238 5.97 10.89 22.42
CA VAL A 238 7.05 11.54 23.19
C VAL A 238 8.36 10.80 22.92
N PRO A 239 9.51 11.44 23.20
CA PRO A 239 10.77 10.80 22.87
C PRO A 239 10.93 9.45 23.57
N ASN A 240 11.50 8.51 22.84
CA ASN A 240 11.79 7.18 23.37
C ASN A 240 13.23 7.16 23.83
N PRO A 241 13.46 7.16 25.15
CA PRO A 241 14.82 7.27 25.67
C PRO A 241 15.72 6.08 25.36
N TYR A 242 15.13 4.97 24.91
CA TYR A 242 15.91 3.78 24.61
C TYR A 242 16.30 3.70 23.15
N TYR A 243 15.84 4.66 22.34
CA TYR A 243 16.23 4.71 20.92
C TYR A 243 17.74 4.72 20.76
N TRP A 244 18.22 3.90 19.84
CA TRP A 244 19.67 3.74 19.62
C TRP A 244 20.31 4.91 18.95
N GLY A 245 19.53 5.73 18.25
CA GLY A 245 20.09 6.72 17.35
C GLY A 245 20.02 8.15 17.82
N GLU A 246 19.96 9.06 16.86
CA GLU A 246 19.88 10.49 17.12
C GLU A 246 18.68 10.82 18.02
N LYS A 247 18.96 11.50 19.11
CA LYS A 247 17.96 12.00 20.05
C LYS A 247 17.10 13.08 19.37
N PRO A 248 15.76 12.99 19.45
CA PRO A 248 14.91 13.98 18.76
C PRO A 248 15.04 15.39 19.32
N LYS A 249 14.68 16.38 18.51
CA LYS A 249 14.62 17.78 18.96
C LYS A 249 13.31 18.10 19.66
N LEU A 250 12.23 17.51 19.17
CA LEU A 250 10.88 17.85 19.67
C LEU A 250 10.57 17.26 21.04
N ASN A 251 9.73 17.97 21.80
CA ASN A 251 9.15 17.41 23.03
C ASN A 251 8.01 16.43 22.70
N SER A 252 7.26 16.69 21.64
CA SER A 252 6.19 15.80 21.26
C SER A 252 5.76 15.97 19.80
N ILE A 253 5.08 14.93 19.31
CA ILE A 253 4.38 14.94 18.03
C ILE A 253 3.01 14.38 18.31
N THR A 254 1.96 15.10 17.94
N THR A 254 1.96 15.09 17.90
CA THR A 254 0.62 14.54 17.95
CA THR A 254 0.61 14.55 17.97
C THR A 254 0.33 14.18 16.51
C THR A 254 0.17 14.25 16.54
N TYR A 255 -0.30 13.03 16.31
CA TYR A 255 -0.65 12.56 14.97
C TYR A 255 -2.13 12.16 15.04
N GLU A 256 -2.96 12.79 14.20
CA GLU A 256 -4.42 12.67 14.30
C GLU A 256 -4.98 12.45 12.90
N VAL A 257 -6.14 11.81 12.81
CA VAL A 257 -6.88 11.78 11.55
C VAL A 257 -7.66 13.08 11.40
N VAL A 258 -7.73 13.59 10.17
CA VAL A 258 -8.58 14.75 9.87
C VAL A 258 -9.44 14.40 8.65
N SER A 259 -10.71 14.79 8.69
CA SER A 259 -11.62 14.47 7.58
C SER A 259 -11.24 15.32 6.37
N THR A 260 -11.63 14.83 5.20
CA THR A 260 -11.42 15.55 3.95
C THR A 260 -12.03 16.95 4.03
N ALA A 261 -13.23 17.05 4.62
CA ALA A 261 -13.97 18.32 4.69
C ALA A 261 -13.36 19.37 5.65
N LYS A 262 -12.56 18.94 6.61
CA LYS A 262 -11.96 19.84 7.59
C LYS A 262 -10.49 20.16 7.36
N SER A 263 -9.86 19.50 6.39
CA SER A 263 -8.41 19.63 6.16
C SER A 263 -7.93 21.06 5.86
N VAL A 264 -8.54 21.70 4.87
CA VAL A 264 -8.04 23.01 4.41
C VAL A 264 -8.16 24.05 5.53
N ALA A 265 -9.27 24.03 6.26
CA ALA A 265 -9.49 24.96 7.38
C ALA A 265 -8.47 24.74 8.51
N ALA A 266 -8.06 23.48 8.69
CA ALA A 266 -7.05 23.14 9.69
C ALA A 266 -5.65 23.67 9.35
N LEU A 267 -5.38 23.91 8.07
CA LEU A 267 -4.15 24.62 7.67
C LEU A 267 -4.29 26.14 7.87
N SER A 268 -5.43 26.69 7.48
CA SER A 268 -5.68 28.13 7.64
C SER A 268 -5.57 28.58 9.09
N SER A 269 -6.00 27.71 10.00
CA SER A 269 -5.97 27.98 11.44
C SER A 269 -4.68 27.51 12.13
N SER A 270 -3.74 26.96 11.35
CA SER A 270 -2.47 26.44 11.90
C SER A 270 -2.69 25.33 12.92
N LYS A 271 -3.81 24.62 12.81
CA LYS A 271 -4.06 23.49 13.69
C LYS A 271 -3.04 22.38 13.46
N TYR A 272 -2.76 22.10 12.20
CA TYR A 272 -1.77 21.10 11.85
C TYR A 272 -0.62 21.74 11.11
N ASP A 273 0.59 21.34 11.51
CA ASP A 273 1.82 21.77 10.84
C ASP A 273 2.02 21.06 9.50
N ILE A 274 1.57 19.80 9.45
CA ILE A 274 1.71 18.97 8.26
C ILE A 274 0.44 18.13 8.12
N ILE A 275 -0.12 18.06 6.92
CA ILE A 275 -1.21 17.09 6.67
C ILE A 275 -0.79 16.19 5.54
N ASN A 276 -0.84 14.88 5.79
CA ASN A 276 -0.43 13.90 4.78
C ASN A 276 -1.67 13.29 4.15
N GLY A 277 -1.52 12.84 2.90
CA GLY A 277 -2.61 12.14 2.21
C GLY A 277 -3.68 13.02 1.60
N MET A 278 -3.43 14.32 1.48
CA MET A 278 -4.47 15.20 0.92
C MET A 278 -4.77 14.91 -0.56
N VAL A 279 -6.06 14.92 -0.91
CA VAL A 279 -6.54 14.63 -2.26
C VAL A 279 -6.16 15.68 -3.31
N SER A 280 -5.98 15.22 -4.55
CA SER A 280 -5.65 16.09 -5.68
C SER A 280 -6.60 17.27 -5.81
N SER A 281 -7.88 17.02 -5.57
CA SER A 281 -8.93 18.04 -5.75
C SER A 281 -8.80 19.25 -4.83
N GLN A 282 -8.06 19.11 -3.73
CA GLN A 282 -7.89 20.21 -2.80
C GLN A 282 -6.61 21.03 -3.04
N TYR A 283 -5.83 20.68 -4.06
CA TYR A 283 -4.53 21.33 -4.27
C TYR A 283 -4.64 22.83 -4.55
N LYS A 284 -5.62 23.22 -5.36
CA LYS A 284 -5.87 24.64 -5.65
C LYS A 284 -6.09 25.47 -4.38
N GLN A 285 -6.82 24.92 -3.42
CA GLN A 285 -7.03 25.60 -2.14
C GLN A 285 -5.73 25.72 -1.34
N VAL A 286 -4.99 24.62 -1.27
CA VAL A 286 -3.77 24.55 -0.45
C VAL A 286 -2.63 25.41 -1.02
N LYS A 287 -2.50 25.46 -2.34
CA LYS A 287 -1.37 26.16 -2.94
C LYS A 287 -1.38 27.65 -2.58
N ASN A 288 -2.55 28.20 -2.32
CA ASN A 288 -2.71 29.62 -2.02
C ASN A 288 -2.50 30.01 -0.55
N LEU A 289 -2.13 29.06 0.31
CA LEU A 289 -1.91 29.34 1.72
C LEU A 289 -0.49 29.88 1.97
N LYS A 290 -0.40 31.17 2.32
CA LYS A 290 0.90 31.83 2.45
C LYS A 290 1.72 31.35 3.66
N GLY A 291 1.05 30.78 4.65
CA GLY A 291 1.72 30.30 5.86
C GLY A 291 2.38 28.94 5.70
N TYR A 292 2.22 28.35 4.52
CA TYR A 292 2.66 26.98 4.25
C TYR A 292 3.56 26.91 3.01
N LYS A 293 4.49 25.96 3.04
CA LYS A 293 5.22 25.57 1.84
C LYS A 293 4.69 24.21 1.42
N VAL A 294 4.38 24.07 0.13
CA VAL A 294 3.87 22.80 -0.40
C VAL A 294 5.03 22.03 -1.05
N LEU A 295 5.28 20.82 -0.53
CA LEU A 295 6.27 19.92 -1.04
C LEU A 295 5.56 18.87 -1.92
N GLY A 296 6.31 18.24 -2.81
CA GLY A 296 5.72 17.21 -3.65
C GLY A 296 6.72 16.30 -4.33
N GLN A 297 6.21 15.17 -4.82
CA GLN A 297 7.04 14.14 -5.46
C GLN A 297 6.12 13.15 -6.17
N GLN A 298 6.66 12.39 -7.10
CA GLN A 298 5.90 11.30 -7.71
C GLN A 298 5.49 10.34 -6.60
N ALA A 299 4.23 9.88 -6.64
CA ALA A 299 3.66 9.01 -5.63
C ALA A 299 4.03 7.56 -5.88
N MET A 300 4.38 6.83 -4.83
CA MET A 300 4.61 5.40 -4.99
C MET A 300 3.24 4.76 -4.82
N TYR A 301 2.49 4.81 -5.91
CA TYR A 301 1.04 4.65 -5.85
C TYR A 301 0.48 4.15 -7.18
N ILE A 302 -0.57 3.34 -7.09
CA ILE A 302 -1.41 3.04 -8.26
C ILE A 302 -2.83 2.90 -7.82
N SER A 303 -3.76 3.38 -8.63
CA SER A 303 -5.16 3.05 -8.46
C SER A 303 -5.60 2.20 -9.66
N LEU A 304 -6.59 1.33 -9.45
CA LEU A 304 -6.99 0.37 -10.46
C LEU A 304 -8.41 -0.11 -10.20
N MET A 305 -9.06 -0.54 -11.27
CA MET A 305 -10.40 -1.13 -11.25
C MET A 305 -10.25 -2.65 -11.25
N TYR A 306 -10.91 -3.30 -10.30
CA TYR A 306 -10.91 -4.75 -10.12
C TYR A 306 -12.23 -5.35 -10.60
N TYR A 307 -12.14 -6.54 -11.17
CA TYR A 307 -13.31 -7.37 -11.47
C TYR A 307 -13.36 -8.59 -10.57
N ASN A 308 -14.55 -8.93 -10.07
CA ASN A 308 -14.72 -10.07 -9.19
C ASN A 308 -14.86 -11.34 -9.99
N LEU A 309 -13.83 -12.18 -9.94
CA LEU A 309 -13.68 -13.33 -10.83
C LEU A 309 -13.57 -14.69 -10.13
N GLY A 310 -13.64 -14.69 -8.81
CA GLY A 310 -13.47 -15.95 -8.09
C GLY A 310 -13.64 -15.82 -6.61
N HIS A 311 -12.99 -16.74 -5.90
CA HIS A 311 -13.00 -16.77 -4.44
C HIS A 311 -11.61 -17.11 -3.95
N TYR A 312 -11.37 -16.88 -2.66
CA TYR A 312 -10.11 -17.23 -2.00
C TYR A 312 -10.31 -18.37 -1.03
N ASP A 313 -9.57 -19.45 -1.23
CA ASP A 313 -9.48 -20.59 -0.32
C ASP A 313 -8.36 -20.32 0.66
N ALA A 314 -8.72 -19.91 1.88
CA ALA A 314 -7.74 -19.51 2.87
C ALA A 314 -6.97 -20.71 3.42
N LYS A 315 -7.66 -21.81 3.70
CA LYS A 315 -7.00 -23.04 4.19
C LYS A 315 -5.82 -23.43 3.30
N ASN A 316 -6.03 -23.36 1.99
CA ASN A 316 -5.03 -23.79 1.02
C ASN A 316 -4.34 -22.64 0.32
N SER A 317 -4.61 -21.41 0.76
CA SER A 317 -3.96 -20.19 0.26
C SER A 317 -3.92 -20.16 -1.25
N ILE A 318 -5.09 -20.11 -1.89
CA ILE A 318 -5.16 -20.07 -3.34
C ILE A 318 -6.39 -19.27 -3.80
N ASN A 319 -6.16 -18.37 -4.75
CA ASN A 319 -7.22 -17.72 -5.46
C ASN A 319 -7.73 -18.67 -6.55
N VAL A 320 -9.04 -18.90 -6.53
CA VAL A 320 -9.71 -19.82 -7.45
C VAL A 320 -10.65 -19.00 -8.33
N GLN A 321 -10.34 -18.96 -9.63
CA GLN A 321 -11.05 -18.11 -10.58
C GLN A 321 -12.28 -18.82 -11.14
N ASP A 322 -13.24 -19.08 -10.25
CA ASP A 322 -14.40 -19.91 -10.58
C ASP A 322 -15.74 -19.20 -10.52
N ARG A 323 -15.75 -17.87 -10.44
CA ARG A 323 -17.02 -17.17 -10.32
C ARG A 323 -17.75 -17.18 -11.66
N LYS A 324 -19.04 -17.54 -11.64
CA LYS A 324 -19.83 -17.46 -12.85
C LYS A 324 -20.33 -16.03 -13.04
N THR A 325 -19.85 -15.39 -14.10
CA THR A 325 -20.12 -13.98 -14.39
C THR A 325 -19.77 -13.65 -15.83
N PRO A 326 -20.48 -12.68 -16.44
CA PRO A 326 -20.06 -12.25 -17.78
C PRO A 326 -18.62 -11.71 -17.83
N LEU A 327 -18.10 -11.28 -16.68
CA LEU A 327 -16.72 -10.78 -16.60
C LEU A 327 -15.67 -11.87 -16.81
N GLN A 328 -16.05 -13.15 -16.91
CA GLN A 328 -15.10 -14.17 -17.32
C GLN A 328 -14.71 -14.05 -18.78
N ASP A 329 -15.48 -13.27 -19.54
CA ASP A 329 -15.18 -12.99 -20.95
C ASP A 329 -14.25 -11.80 -21.10
N GLN A 330 -13.10 -12.03 -21.70
CA GLN A 330 -12.10 -10.99 -21.89
C GLN A 330 -12.65 -9.76 -22.61
N ASN A 331 -13.45 -9.97 -23.66
CA ASN A 331 -14.06 -8.84 -24.37
C ASN A 331 -14.90 -7.93 -23.46
N VAL A 332 -15.60 -8.51 -22.48
CA VAL A 332 -16.43 -7.75 -21.55
C VAL A 332 -15.54 -6.94 -20.60
N ARG A 333 -14.49 -7.57 -20.07
CA ARG A 333 -13.56 -6.85 -19.19
C ARG A 333 -12.88 -5.70 -19.91
N GLN A 334 -12.45 -5.93 -21.14
CA GLN A 334 -11.84 -4.90 -21.96
C GLN A 334 -12.81 -3.77 -22.28
N ALA A 335 -14.03 -4.13 -22.68
CA ALA A 335 -15.01 -3.12 -23.02
C ALA A 335 -15.29 -2.15 -21.87
N ILE A 336 -15.45 -2.70 -20.68
CA ILE A 336 -15.76 -1.90 -19.50
C ILE A 336 -14.57 -0.96 -19.21
N GLY A 337 -13.34 -1.42 -19.47
CA GLY A 337 -12.17 -0.55 -19.38
C GLY A 337 -12.15 0.58 -20.40
N TYR A 338 -12.40 0.23 -21.66
CA TYR A 338 -12.39 1.23 -22.74
C TYR A 338 -13.49 2.29 -22.59
N ALA A 339 -14.59 1.92 -21.92
CA ALA A 339 -15.73 2.83 -21.78
C ALA A 339 -15.50 3.96 -20.79
N ARG A 340 -14.65 3.79 -19.79
CA ARG A 340 -14.45 4.86 -18.81
C ARG A 340 -13.82 6.09 -19.44
N ASN A 341 -14.10 7.25 -18.86
CA ASN A 341 -13.54 8.53 -19.28
C ASN A 341 -12.58 9.06 -18.20
N VAL A 342 -11.57 8.24 -17.88
CA VAL A 342 -10.62 8.60 -16.80
C VAL A 342 -9.92 9.93 -17.06
N ALA A 343 -9.47 10.17 -18.29
CA ALA A 343 -8.81 11.43 -18.62
C ALA A 343 -9.73 12.64 -18.43
N GLU A 344 -10.98 12.52 -18.88
CA GLU A 344 -11.96 13.62 -18.69
C GLU A 344 -12.17 13.95 -17.19
N VAL A 345 -12.36 12.91 -16.39
CA VAL A 345 -12.48 13.03 -14.93
C VAL A 345 -11.24 13.69 -14.32
N ASP A 346 -10.05 13.24 -14.71
CA ASP A 346 -8.80 13.79 -14.16
C ASP A 346 -8.64 15.26 -14.54
N ASN A 347 -9.00 15.59 -15.78
CA ASN A 347 -8.88 16.95 -16.26
C ASN A 347 -9.82 17.88 -15.48
N LYS A 348 -11.05 17.43 -15.23
CA LYS A 348 -12.00 18.28 -14.49
C LYS A 348 -11.64 18.48 -13.01
N PHE A 349 -11.21 17.41 -12.34
CA PHE A 349 -11.20 17.37 -10.87
C PHE A 349 -9.84 17.34 -10.17
N SER A 350 -8.79 16.92 -10.87
CA SER A 350 -7.52 16.58 -10.21
C SER A 350 -6.46 17.69 -10.14
N ASN A 351 -6.77 18.86 -10.68
CA ASN A 351 -5.81 19.98 -10.64
C ASN A 351 -4.45 19.61 -11.19
N GLY A 352 -4.44 18.74 -12.21
CA GLY A 352 -3.22 18.34 -12.87
C GLY A 352 -2.32 17.34 -12.16
N LEU A 353 -2.80 16.75 -11.07
CA LEU A 353 -1.96 15.90 -10.24
C LEU A 353 -2.19 14.43 -10.51
N SER A 354 -3.33 14.10 -11.12
CA SER A 354 -3.64 12.72 -11.48
C SER A 354 -3.52 12.53 -12.99
N THR A 355 -2.77 11.50 -13.39
CA THR A 355 -2.53 11.17 -14.80
C THR A 355 -3.07 9.77 -15.10
N PRO A 356 -3.95 9.64 -16.11
CA PRO A 356 -4.46 8.31 -16.43
C PRO A 356 -3.33 7.32 -16.67
N ALA A 357 -3.38 6.19 -15.98
CA ALA A 357 -2.30 5.19 -16.05
C ALA A 357 -2.42 4.37 -17.32
N ASN A 358 -1.28 4.09 -17.94
CA ASN A 358 -1.21 3.17 -19.08
C ASN A 358 -0.89 1.74 -18.68
N SER A 359 -0.44 1.55 -17.45
CA SER A 359 -0.03 0.24 -16.97
C SER A 359 0.00 0.24 -15.43
N LEU A 360 0.28 -0.91 -14.86
CA LEU A 360 0.27 -1.07 -13.41
C LEU A 360 1.58 -0.65 -12.74
N ILE A 361 2.64 -0.42 -13.51
CA ILE A 361 3.93 0.00 -12.93
C ILE A 361 4.07 1.52 -13.02
N PRO A 362 4.02 2.21 -11.88
CA PRO A 362 3.99 3.69 -11.89
C PRO A 362 5.32 4.33 -12.23
N PRO A 363 5.29 5.58 -12.68
CA PRO A 363 6.48 6.29 -13.16
C PRO A 363 7.64 6.42 -12.17
N ILE A 364 7.35 6.37 -10.86
CA ILE A 364 8.40 6.43 -9.84
C ILE A 364 9.43 5.31 -10.08
N PHE A 365 8.97 4.17 -10.59
CA PHE A 365 9.88 3.08 -10.91
C PHE A 365 10.39 3.34 -12.33
N LYS A 366 11.35 4.25 -12.43
CA LYS A 366 11.74 4.84 -13.72
C LYS A 366 12.30 3.81 -14.71
N GLN A 367 13.03 2.82 -14.21
CA GLN A 367 13.66 1.84 -15.08
C GLN A 367 12.64 0.84 -15.65
N PHE A 368 11.66 0.47 -14.83
CA PHE A 368 10.79 -0.67 -15.16
C PHE A 368 9.37 -0.29 -15.54
N THR A 369 8.97 0.95 -15.31
CA THR A 369 7.76 1.47 -15.93
C THR A 369 7.97 1.46 -17.44
N SER A 370 6.89 1.35 -18.21
CA SER A 370 6.98 1.36 -19.67
C SER A 370 6.03 2.39 -20.24
N SER A 371 6.55 3.55 -20.60
CA SER A 371 5.73 4.65 -21.10
C SER A 371 5.02 4.33 -22.43
N SER A 372 5.57 3.42 -23.24
CA SER A 372 4.96 3.07 -24.54
C SER A 372 3.88 1.96 -24.51
N VAL A 373 3.72 1.27 -23.38
CA VAL A 373 2.64 0.29 -23.21
C VAL A 373 1.31 1.03 -23.35
N LYS A 374 0.38 0.42 -24.08
CA LYS A 374 -0.96 0.98 -24.22
C LYS A 374 -1.92 0.29 -23.28
N GLY A 375 -2.69 1.10 -22.56
CA GLY A 375 -3.75 0.58 -21.71
C GLY A 375 -5.08 1.20 -22.06
N TYR A 376 -5.78 1.59 -21.01
CA TYR A 376 -7.14 2.12 -21.13
C TYR A 376 -7.22 3.61 -20.78
N GLU A 377 -6.08 4.29 -20.94
CA GLU A 377 -5.96 5.72 -20.64
C GLU A 377 -6.74 6.62 -21.58
N LYS A 378 -7.16 6.10 -22.75
CA LYS A 378 -7.96 6.86 -23.71
C LYS A 378 -9.32 6.19 -23.86
N GLN A 379 -10.40 6.94 -23.62
CA GLN A 379 -11.74 6.38 -23.82
C GLN A 379 -11.90 5.95 -25.28
N ASP A 380 -12.51 4.77 -25.48
CA ASP A 380 -12.86 4.28 -26.83
C ASP A 380 -14.19 3.53 -26.76
N LEU A 381 -15.27 4.29 -26.80
CA LEU A 381 -16.62 3.74 -26.74
C LEU A 381 -16.93 2.87 -27.97
N ASP A 382 -16.43 3.26 -29.14
CA ASP A 382 -16.62 2.46 -30.35
C ASP A 382 -16.03 1.06 -30.20
N LYS A 383 -14.80 1.00 -29.68
CA LYS A 383 -14.12 -0.27 -29.47
C LYS A 383 -14.86 -1.12 -28.46
N ALA A 384 -15.27 -0.50 -27.35
CA ALA A 384 -16.02 -1.21 -26.32
C ALA A 384 -17.30 -1.84 -26.89
N ASN A 385 -18.05 -1.07 -27.67
CA ASN A 385 -19.29 -1.59 -28.26
C ASN A 385 -19.05 -2.79 -29.21
N LYS A 386 -18.00 -2.70 -30.02
CA LYS A 386 -17.59 -3.78 -30.93
C LYS A 386 -17.24 -5.07 -30.20
N LEU A 387 -16.47 -4.97 -29.11
CA LEU A 387 -16.09 -6.12 -28.30
C LEU A 387 -17.29 -6.87 -27.74
N LEU A 388 -18.26 -6.13 -27.26
CA LEU A 388 -19.44 -6.75 -26.66
C LEU A 388 -20.27 -7.44 -27.74
N ASP A 389 -20.44 -6.77 -28.87
CA ASP A 389 -21.12 -7.32 -30.04
C ASP A 389 -20.56 -8.69 -30.36
N GLU A 390 -19.24 -8.71 -30.57
CA GLU A 390 -18.54 -9.89 -31.06
C GLU A 390 -18.52 -11.02 -30.05
N ASP A 391 -18.66 -10.68 -28.78
CA ASP A 391 -18.77 -11.67 -27.71
C ASP A 391 -20.22 -12.15 -27.55
N GLY A 392 -21.12 -11.71 -28.44
CA GLY A 392 -22.51 -12.18 -28.43
C GLY A 392 -23.46 -11.38 -27.56
N TRP A 393 -23.00 -10.27 -26.98
CA TRP A 393 -23.85 -9.41 -26.16
C TRP A 393 -24.54 -8.42 -27.04
N LYS A 394 -25.73 -8.75 -27.50
CA LYS A 394 -26.39 -7.94 -28.53
C LYS A 394 -27.33 -6.91 -27.92
N LEU A 395 -27.32 -5.71 -28.49
CA LEU A 395 -28.09 -4.60 -27.96
C LEU A 395 -29.59 -4.84 -28.15
N ASN A 396 -30.31 -4.75 -27.05
CA ASN A 396 -31.77 -4.74 -27.09
C ASN A 396 -32.19 -3.29 -27.27
N LYS A 397 -32.59 -2.92 -28.48
CA LYS A 397 -32.93 -1.52 -28.78
C LYS A 397 -34.08 -0.99 -27.91
N SER A 398 -34.96 -1.88 -27.46
CA SER A 398 -36.11 -1.50 -26.64
C SER A 398 -35.68 -0.97 -25.26
N THR A 399 -34.62 -1.57 -24.71
CA THR A 399 -34.13 -1.23 -23.37
C THR A 399 -32.85 -0.38 -23.38
N GLY A 400 -32.06 -0.50 -24.45
CA GLY A 400 -30.75 0.18 -24.52
C GLY A 400 -29.62 -0.56 -23.81
N TYR A 401 -29.88 -1.81 -23.43
CA TYR A 401 -28.86 -2.65 -22.82
C TYR A 401 -28.70 -3.94 -23.60
N ARG A 402 -27.54 -4.56 -23.43
CA ARG A 402 -27.18 -5.75 -24.17
C ARG A 402 -27.60 -7.01 -23.44
N GLU A 403 -27.87 -8.06 -24.22
CA GLU A 403 -28.41 -9.30 -23.67
C GLU A 403 -27.74 -10.54 -24.26
N LYS A 404 -27.87 -11.64 -23.52
CA LYS A 404 -27.54 -12.98 -23.99
C LYS A 404 -28.52 -13.95 -23.34
N ASP A 405 -29.18 -14.77 -24.15
CA ASP A 405 -30.14 -15.76 -23.64
C ASP A 405 -31.19 -15.10 -22.72
N GLY A 406 -31.67 -13.93 -23.13
CA GLY A 406 -32.64 -13.17 -22.33
C GLY A 406 -32.09 -12.64 -21.01
N LYS A 407 -30.77 -12.78 -20.82
CA LYS A 407 -30.09 -12.34 -19.60
C LYS A 407 -29.43 -10.99 -19.89
N GLU A 408 -29.72 -9.99 -19.06
CA GLU A 408 -29.17 -8.65 -19.25
C GLU A 408 -27.74 -8.54 -18.72
N LEU A 409 -26.92 -7.74 -19.39
CA LEU A 409 -25.55 -7.46 -18.93
C LEU A 409 -25.63 -6.38 -17.86
N SER A 410 -25.85 -6.82 -16.62
N SER A 410 -25.80 -6.82 -16.61
CA SER A 410 -26.05 -5.95 -15.48
CA SER A 410 -26.01 -5.93 -15.49
C SER A 410 -25.00 -6.28 -14.43
C SER A 410 -25.07 -6.27 -14.35
N LEU A 411 -24.39 -5.26 -13.83
CA LEU A 411 -23.28 -5.46 -12.87
C LEU A 411 -23.40 -4.53 -11.68
N VAL A 412 -22.79 -4.93 -10.57
CA VAL A 412 -22.77 -4.13 -9.33
C VAL A 412 -21.39 -3.51 -9.10
N TYR A 413 -21.35 -2.19 -8.91
CA TYR A 413 -20.14 -1.41 -8.75
C TYR A 413 -20.00 -0.96 -7.32
N ALA A 414 -19.07 -1.59 -6.60
CA ALA A 414 -18.76 -1.21 -5.23
C ALA A 414 -17.80 -0.03 -5.21
N ALA A 415 -18.31 1.14 -5.60
CA ALA A 415 -17.54 2.38 -5.50
C ALA A 415 -17.41 2.85 -4.06
N ARG A 416 -16.31 3.54 -3.78
CA ARG A 416 -15.96 3.91 -2.44
C ARG A 416 -16.20 5.37 -2.15
N VAL A 417 -16.44 5.67 -0.90
CA VAL A 417 -16.39 7.05 -0.40
C VAL A 417 -15.06 7.68 -0.74
N GLY A 418 -15.09 9.00 -0.92
CA GLY A 418 -13.90 9.75 -1.19
C GLY A 418 -14.13 11.19 -0.90
N ASP A 419 -13.60 12.05 -1.76
CA ASP A 419 -13.71 13.49 -1.60
C ASP A 419 -15.07 13.99 -2.13
N ALA A 420 -15.24 15.30 -2.24
CA ALA A 420 -16.52 15.87 -2.61
C ALA A 420 -16.99 15.45 -4.00
N ASN A 421 -16.08 14.96 -4.84
CA ASN A 421 -16.43 14.51 -6.19
C ASN A 421 -16.59 13.00 -6.37
N ALA A 422 -16.44 12.23 -5.30
CA ALA A 422 -16.48 10.77 -5.44
C ALA A 422 -17.78 10.24 -6.04
N GLU A 423 -18.94 10.70 -5.55
CA GLU A 423 -20.21 10.21 -6.08
C GLU A 423 -20.40 10.66 -7.54
N THR A 424 -19.95 11.86 -7.84
CA THR A 424 -20.06 12.39 -9.21
C THR A 424 -19.24 11.55 -10.19
N ILE A 425 -18.00 11.24 -9.81
CA ILE A 425 -17.10 10.46 -10.66
C ILE A 425 -17.60 9.03 -10.86
N ALA A 426 -18.08 8.37 -9.79
CA ALA A 426 -18.70 7.06 -9.91
C ALA A 426 -19.88 7.04 -10.85
N GLN A 427 -20.73 8.06 -10.74
CA GLN A 427 -21.87 8.17 -11.63
C GLN A 427 -21.46 8.47 -13.07
N ASN A 428 -20.40 9.26 -13.24
N ASN A 428 -20.39 9.25 -13.26
CA ASN A 428 -19.86 9.48 -14.57
CA ASN A 428 -19.79 9.43 -14.59
C ASN A 428 -19.47 8.14 -15.25
C ASN A 428 -19.55 8.08 -15.24
N TYR A 429 -18.87 7.21 -14.50
CA TYR A 429 -18.52 5.92 -15.06
C TYR A 429 -19.76 5.06 -15.34
N ILE A 430 -20.75 5.09 -14.45
CA ILE A 430 -22.00 4.38 -14.67
C ILE A 430 -22.68 4.86 -15.98
N GLN A 431 -22.63 6.15 -16.22
CA GLN A 431 -23.18 6.70 -17.45
C GLN A 431 -22.38 6.28 -18.68
N GLN A 432 -21.05 6.16 -18.56
CA GLN A 432 -20.28 5.72 -19.71
C GLN A 432 -20.61 4.27 -20.02
N TRP A 433 -20.82 3.46 -18.98
CA TRP A 433 -21.17 2.06 -19.17
C TRP A 433 -22.53 1.92 -19.78
N LYS A 434 -23.47 2.83 -19.45
CA LYS A 434 -24.76 2.84 -20.13
C LYS A 434 -24.63 3.07 -21.64
N LYS A 435 -23.68 3.89 -22.04
CA LYS A 435 -23.44 4.15 -23.47
C LYS A 435 -23.00 2.89 -24.26
N ILE A 436 -22.43 1.89 -23.57
CA ILE A 436 -22.04 0.64 -24.23
C ILE A 436 -23.02 -0.50 -23.91
N GLY A 437 -24.16 -0.15 -23.32
CA GLY A 437 -25.23 -1.12 -23.08
C GLY A 437 -25.01 -2.03 -21.89
N VAL A 438 -24.22 -1.55 -20.93
CA VAL A 438 -23.98 -2.28 -19.68
C VAL A 438 -24.69 -1.51 -18.57
N LYS A 439 -25.59 -2.19 -17.85
CA LYS A 439 -26.32 -1.60 -16.72
C LYS A 439 -25.49 -1.78 -15.46
N VAL A 440 -25.11 -0.69 -14.81
CA VAL A 440 -24.27 -0.73 -13.62
C VAL A 440 -24.93 0.04 -12.50
N SER A 441 -25.02 -0.58 -11.32
CA SER A 441 -25.63 0.05 -10.15
C SER A 441 -24.62 0.05 -9.02
N LEU A 442 -24.72 1.04 -8.15
CA LEU A 442 -23.89 1.11 -6.95
C LEU A 442 -24.27 0.03 -5.93
N TYR A 443 -23.27 -0.48 -5.23
CA TYR A 443 -23.46 -1.50 -4.21
C TYR A 443 -24.34 -0.96 -3.07
N ASN A 444 -25.46 -1.63 -2.83
CA ASN A 444 -26.46 -1.20 -1.85
C ASN A 444 -26.90 0.25 -2.07
N GLY A 445 -26.76 0.73 -3.30
CA GLY A 445 -27.21 2.06 -3.68
C GLY A 445 -26.46 3.27 -3.15
N LYS A 446 -25.26 3.06 -2.60
CA LYS A 446 -24.49 4.17 -2.08
C LYS A 446 -23.01 3.83 -2.08
N LEU A 447 -22.19 4.85 -1.89
CA LEU A 447 -20.76 4.65 -1.81
C LEU A 447 -20.39 3.91 -0.53
N MET A 448 -19.35 3.09 -0.62
CA MET A 448 -18.93 2.24 0.49
C MET A 448 -17.87 2.92 1.35
N GLU A 449 -18.06 2.90 2.67
CA GLU A 449 -17.07 3.39 3.64
C GLU A 449 -15.81 2.55 3.53
N PHE A 450 -14.65 3.18 3.71
CA PHE A 450 -13.35 2.55 3.46
C PHE A 450 -13.06 1.35 4.33
N ASN A 451 -13.19 1.50 5.64
CA ASN A 451 -12.87 0.38 6.52
C ASN A 451 -13.80 -0.80 6.20
N SER A 452 -15.08 -0.54 5.92
CA SER A 452 -16.00 -1.61 5.48
C SER A 452 -15.58 -2.27 4.15
N TRP A 453 -15.21 -1.45 3.18
CA TRP A 453 -14.67 -1.96 1.93
C TRP A 453 -13.47 -2.88 2.14
N VAL A 454 -12.51 -2.47 2.98
CA VAL A 454 -11.32 -3.28 3.22
C VAL A 454 -11.72 -4.66 3.77
N ASP A 455 -12.65 -4.67 4.71
CA ASP A 455 -13.14 -5.91 5.29
C ASP A 455 -13.78 -6.78 4.21
N HIS A 456 -14.59 -6.14 3.38
CA HIS A 456 -15.31 -6.85 2.33
C HIS A 456 -14.38 -7.46 1.33
N MET A 457 -13.30 -6.77 1.03
CA MET A 457 -12.27 -7.27 0.08
C MET A 457 -11.33 -8.33 0.63
N THR A 458 -10.95 -8.21 1.90
CA THR A 458 -9.90 -9.08 2.44
C THR A 458 -10.40 -10.31 3.17
N THR A 459 -11.63 -10.27 3.66
CA THR A 459 -12.18 -11.37 4.45
C THR A 459 -12.43 -12.60 3.56
N PRO A 460 -11.67 -13.71 3.77
CA PRO A 460 -11.99 -14.88 2.96
C PRO A 460 -13.41 -15.38 3.23
N PRO A 461 -14.07 -15.98 2.23
CA PRO A 461 -13.55 -16.35 0.92
C PRO A 461 -13.67 -15.28 -0.16
N GLY A 462 -14.03 -14.07 0.21
CA GLY A 462 -14.47 -13.08 -0.76
C GLY A 462 -15.99 -13.12 -0.90
N ALA A 463 -16.57 -11.95 -1.20
CA ALA A 463 -18.02 -11.85 -1.41
C ALA A 463 -18.45 -12.08 -2.87
N ASN A 464 -19.72 -12.43 -3.09
CA ASN A 464 -20.25 -12.59 -4.45
C ASN A 464 -21.24 -11.52 -4.86
N ASP A 465 -21.29 -10.45 -4.07
CA ASP A 465 -22.31 -9.41 -4.23
C ASP A 465 -21.78 -8.12 -4.88
N TRP A 466 -20.61 -8.22 -5.51
CA TRP A 466 -20.09 -7.10 -6.30
C TRP A 466 -19.44 -7.62 -7.54
N ASP A 467 -19.35 -6.78 -8.57
CA ASP A 467 -18.69 -7.16 -9.82
C ASP A 467 -17.46 -6.31 -10.17
N ILE A 468 -17.58 -5.00 -9.95
CA ILE A 468 -16.55 -4.01 -10.20
C ILE A 468 -16.27 -3.26 -8.91
N THR A 469 -14.99 -2.99 -8.65
CA THR A 469 -14.61 -2.11 -7.54
C THR A 469 -13.34 -1.36 -7.88
N ASP A 470 -13.02 -0.35 -7.06
CA ASP A 470 -11.79 0.42 -7.23
C ASP A 470 -10.91 0.18 -6.02
N GLY A 471 -9.63 0.00 -6.27
CA GLY A 471 -8.67 -0.09 -5.19
C GLY A 471 -7.54 0.87 -5.45
N SER A 472 -6.81 1.23 -4.41
N SER A 472 -6.85 1.29 -4.40
CA SER A 472 -5.63 2.04 -4.58
CA SER A 472 -5.69 2.17 -4.50
C SER A 472 -4.61 1.61 -3.56
C SER A 472 -4.63 1.61 -3.56
N TRP A 473 -3.36 1.73 -3.94
CA TRP A 473 -2.26 1.20 -3.14
C TRP A 473 -1.18 2.18 -2.94
N SER A 474 -0.71 2.30 -1.69
N SER A 474 -0.73 2.30 -1.69
CA SER A 474 0.61 2.84 -1.42
CA SER A 474 0.61 2.82 -1.40
C SER A 474 1.56 1.65 -1.60
C SER A 474 1.51 1.61 -1.62
N LEU A 475 2.25 1.61 -2.73
CA LEU A 475 2.96 0.40 -3.18
C LEU A 475 4.20 0.16 -2.36
N ALA A 476 4.55 -1.12 -2.20
CA ALA A 476 5.87 -1.48 -1.74
C ALA A 476 6.93 -0.83 -2.60
N SER A 477 8.06 -0.48 -2.00
CA SER A 477 9.08 0.25 -2.72
C SER A 477 10.01 -0.56 -3.63
N GLU A 478 9.60 -1.74 -4.06
CA GLU A 478 10.30 -2.51 -5.07
C GLU A 478 9.23 -2.89 -6.08
N PRO A 479 9.49 -2.74 -7.38
CA PRO A 479 8.41 -2.78 -8.39
C PRO A 479 7.69 -4.13 -8.59
N SER A 480 8.28 -5.24 -8.18
CA SER A 480 7.58 -6.53 -8.32
C SER A 480 6.20 -6.50 -7.66
N GLN A 481 5.18 -7.02 -8.35
CA GLN A 481 3.79 -7.03 -7.86
C GLN A 481 3.32 -8.44 -7.50
N GLN A 482 4.24 -9.35 -7.19
CA GLN A 482 3.87 -10.65 -6.64
C GLN A 482 2.88 -10.54 -5.47
N ASP A 483 3.10 -9.58 -4.60
CA ASP A 483 2.34 -9.48 -3.35
C ASP A 483 1.00 -8.78 -3.55
N LEU A 484 0.74 -8.31 -4.77
CA LEU A 484 -0.61 -7.88 -5.14
C LEU A 484 -1.40 -8.94 -5.88
N PHE A 485 -0.73 -9.77 -6.68
CA PHE A 485 -1.44 -10.56 -7.68
C PHE A 485 -1.12 -12.04 -7.74
N SER A 486 -0.15 -12.52 -6.97
CA SER A 486 0.18 -13.95 -7.00
C SER A 486 -1.01 -14.83 -6.55
N ALA A 487 -0.96 -16.08 -6.98
CA ALA A 487 -2.09 -16.97 -6.76
C ALA A 487 -2.37 -17.19 -5.28
N ALA A 488 -1.37 -17.12 -4.40
CA ALA A 488 -1.58 -17.35 -2.97
C ALA A 488 -1.95 -16.09 -2.17
N ALA A 489 -1.95 -14.93 -2.81
CA ALA A 489 -2.09 -13.66 -2.08
C ALA A 489 -3.54 -13.22 -1.87
N PRO A 490 -3.97 -13.08 -0.60
CA PRO A 490 -5.28 -12.53 -0.36
C PRO A 490 -5.49 -11.14 -0.94
N TYR A 491 -4.43 -10.41 -1.23
CA TYR A 491 -4.55 -9.06 -1.78
C TYR A 491 -5.01 -9.07 -3.25
N ASN A 492 -5.03 -10.24 -3.89
CA ASN A 492 -5.65 -10.39 -5.21
C ASN A 492 -7.17 -10.42 -5.00
N PHE A 493 -7.76 -9.24 -4.92
CA PHE A 493 -9.13 -9.05 -4.44
C PHE A 493 -10.20 -9.62 -5.36
N GLY A 494 -9.92 -9.64 -6.65
CA GLY A 494 -10.82 -10.23 -7.64
C GLY A 494 -10.60 -11.71 -7.87
N HIS A 495 -9.52 -12.25 -7.30
CA HIS A 495 -9.23 -13.69 -7.31
C HIS A 495 -9.02 -14.30 -8.66
N PHE A 496 -8.25 -13.63 -9.52
CA PHE A 496 -7.87 -14.24 -10.77
C PHE A 496 -6.68 -15.18 -10.53
N ASN A 497 -6.54 -16.15 -11.42
CA ASN A 497 -5.49 -17.15 -11.36
C ASN A 497 -5.22 -17.59 -12.79
N ASP A 498 -4.09 -17.18 -13.34
CA ASP A 498 -3.79 -17.35 -14.75
C ASP A 498 -2.35 -17.78 -14.91
N SER A 499 -2.13 -18.91 -15.54
CA SER A 499 -0.76 -19.44 -15.67
C SER A 499 0.18 -18.49 -16.41
N GLU A 500 -0.31 -17.74 -17.40
CA GLU A 500 0.52 -16.77 -18.14
C GLU A 500 0.97 -15.64 -17.22
N ILE A 501 0.05 -15.14 -16.41
CA ILE A 501 0.39 -14.05 -15.48
C ILE A 501 1.33 -14.54 -14.38
N THR A 502 1.08 -15.74 -13.85
CA THR A 502 1.95 -16.31 -12.83
C THR A 502 3.38 -16.48 -13.38
N LYS A 503 3.49 -16.99 -14.61
CA LYS A 503 4.83 -17.09 -15.25
C LYS A 503 5.46 -15.71 -15.43
N ASP A 504 4.68 -14.70 -15.83
CA ASP A 504 5.20 -13.36 -15.97
C ASP A 504 5.76 -12.80 -14.65
N LEU A 505 4.97 -12.96 -13.58
CA LEU A 505 5.36 -12.50 -12.29
C LEU A 505 6.65 -13.18 -11.85
N ASN A 506 6.68 -14.50 -12.01
CA ASN A 506 7.86 -15.26 -11.65
C ASN A 506 9.10 -14.89 -12.47
N ASP A 507 8.92 -14.66 -13.78
CA ASP A 507 10.06 -14.36 -14.63
C ASP A 507 10.73 -13.02 -14.26
N ILE A 508 9.90 -12.04 -13.89
CA ILE A 508 10.40 -10.75 -13.38
C ILE A 508 11.38 -10.94 -12.21
N ASP A 509 11.16 -11.95 -11.38
CA ASP A 509 11.98 -12.20 -10.19
C ASP A 509 12.91 -13.41 -10.30
N SER A 510 13.11 -13.88 -11.52
CA SER A 510 13.94 -15.05 -11.80
C SER A 510 15.43 -14.73 -11.73
N ALA A 511 16.25 -15.77 -11.67
CA ALA A 511 17.69 -15.56 -11.70
C ALA A 511 18.10 -14.84 -12.98
N LYS A 512 17.44 -15.15 -14.10
CA LYS A 512 17.77 -14.46 -15.36
C LYS A 512 17.50 -12.96 -15.25
N SER A 513 16.54 -12.59 -14.40
CA SER A 513 16.25 -11.16 -14.14
C SER A 513 17.23 -10.44 -13.21
N GLU A 514 18.31 -11.10 -12.80
CA GLU A 514 19.44 -10.39 -12.22
C GLU A 514 20.08 -9.49 -13.30
N ASN A 515 19.89 -9.83 -14.58
CA ASN A 515 20.34 -9.01 -15.70
C ASN A 515 19.24 -7.97 -15.94
N PRO A 516 19.56 -6.66 -15.87
CA PRO A 516 18.47 -5.68 -15.94
C PRO A 516 17.82 -5.58 -17.31
N THR A 517 18.52 -5.98 -18.37
CA THR A 517 17.95 -5.94 -19.70
C THR A 517 16.87 -7.02 -19.81
N TYR A 518 17.14 -8.20 -19.27
CA TYR A 518 16.19 -9.29 -19.25
C TYR A 518 15.02 -8.93 -18.34
N ARG A 519 15.30 -8.32 -17.20
CA ARG A 519 14.20 -7.96 -16.28
C ARG A 519 13.27 -6.90 -16.87
N LYS A 520 13.84 -5.93 -17.59
CA LYS A 520 13.04 -4.91 -18.28
C LYS A 520 12.06 -5.58 -19.26
N ALA A 521 12.58 -6.49 -20.09
CA ALA A 521 11.72 -7.23 -21.02
C ALA A 521 10.62 -7.99 -20.27
N ALA A 522 10.96 -8.54 -19.12
CA ALA A 522 9.98 -9.26 -18.32
C ALA A 522 8.91 -8.32 -17.77
N PHE A 523 9.30 -7.13 -17.36
CA PHE A 523 8.31 -6.17 -16.85
C PHE A 523 7.39 -5.71 -18.01
N VAL A 524 7.97 -5.53 -19.19
CA VAL A 524 7.17 -5.11 -20.38
C VAL A 524 6.13 -6.16 -20.72
N LYS A 525 6.51 -7.44 -20.72
CA LYS A 525 5.59 -8.52 -21.06
C LYS A 525 4.46 -8.59 -20.02
N TYR A 526 4.83 -8.48 -18.75
CA TYR A 526 3.84 -8.45 -17.67
C TYR A 526 2.83 -7.32 -17.85
N GLN A 527 3.33 -6.11 -18.08
CA GLN A 527 2.44 -4.92 -18.27
C GLN A 527 1.48 -5.12 -19.45
N GLU A 528 1.98 -5.67 -20.54
CA GLU A 528 1.15 -5.94 -21.73
C GLU A 528 0.12 -7.01 -21.45
N ASP A 529 0.54 -8.11 -20.86
CA ASP A 529 -0.35 -9.24 -20.62
C ASP A 529 -1.45 -8.84 -19.65
N MET A 530 -1.10 -8.07 -18.62
CA MET A 530 -2.14 -7.67 -17.66
C MET A 530 -3.18 -6.76 -18.34
N ASN A 531 -2.72 -5.85 -19.20
CA ASN A 531 -3.68 -5.02 -19.94
C ASN A 531 -4.54 -5.83 -20.91
N LYS A 532 -3.95 -6.82 -21.57
CA LYS A 532 -4.72 -7.65 -22.49
C LYS A 532 -5.74 -8.53 -21.77
N LYS A 533 -5.32 -9.27 -20.75
CA LYS A 533 -6.25 -10.12 -20.00
C LYS A 533 -7.32 -9.29 -19.29
N ALA A 534 -6.94 -8.08 -18.87
CA ALA A 534 -7.90 -7.14 -18.27
C ALA A 534 -8.62 -7.67 -17.03
N TYR A 535 -7.96 -8.49 -16.22
CA TYR A 535 -8.50 -8.90 -14.93
C TYR A 535 -8.61 -7.68 -14.01
N VAL A 536 -7.69 -6.75 -14.20
CA VAL A 536 -7.73 -5.41 -13.58
C VAL A 536 -7.39 -4.39 -14.64
N ILE A 537 -7.83 -3.15 -14.43
CA ILE A 537 -7.59 -2.06 -15.37
C ILE A 537 -6.87 -0.96 -14.60
N PRO A 538 -5.67 -0.57 -15.03
CA PRO A 538 -5.03 0.57 -14.36
C PRO A 538 -5.84 1.84 -14.51
N THR A 539 -5.89 2.63 -13.43
CA THR A 539 -6.67 3.86 -13.40
C THR A 539 -5.77 5.09 -13.39
N ASN A 540 -5.12 5.40 -12.26
CA ASN A 540 -4.33 6.63 -12.16
C ASN A 540 -2.94 6.46 -11.59
N PHE A 541 -2.02 7.27 -12.10
CA PHE A 541 -0.77 7.62 -11.45
C PHE A 541 -0.99 8.97 -10.78
N MET A 542 -0.25 9.26 -9.71
CA MET A 542 -0.41 10.52 -9.00
C MET A 542 0.92 11.18 -8.64
N LEU A 543 0.87 12.51 -8.52
CA LEU A 543 1.88 13.26 -7.81
C LEU A 543 1.29 13.53 -6.44
N ASN A 544 2.04 13.26 -5.39
CA ASN A 544 1.63 13.61 -4.03
C ASN A 544 2.15 14.99 -3.63
N TYR A 545 1.33 15.73 -2.89
CA TYR A 545 1.74 17.01 -2.30
C TYR A 545 1.50 16.97 -0.79
N THR A 546 2.28 17.77 -0.08
CA THR A 546 2.23 17.83 1.36
C THR A 546 2.46 19.29 1.79
N PRO A 547 1.45 19.92 2.40
CA PRO A 547 1.65 21.27 2.98
C PRO A 547 2.43 21.18 4.28
N VAL A 548 3.39 22.09 4.47
CA VAL A 548 4.22 22.17 5.67
C VAL A 548 4.20 23.61 6.19
N ASN A 549 3.78 23.78 7.43
CA ASN A 549 3.81 25.08 8.08
C ASN A 549 5.23 25.64 8.05
N LYS A 550 5.33 26.93 7.78
CA LYS A 550 6.64 27.58 7.63
C LYS A 550 7.52 27.52 8.89
N ARG A 551 6.95 27.21 10.06
CA ARG A 551 7.74 27.06 11.28
C ARG A 551 8.52 25.75 11.36
N VAL A 552 8.19 24.79 10.50
CA VAL A 552 8.81 23.45 10.61
C VAL A 552 10.21 23.47 10.02
N VAL A 553 11.19 22.92 10.77
CA VAL A 553 12.61 22.89 10.36
C VAL A 553 13.01 21.46 10.06
N GLY A 554 13.73 21.25 8.96
CA GLY A 554 14.26 19.93 8.60
C GLY A 554 13.28 18.97 7.95
N MET A 555 12.12 19.43 7.49
CA MET A 555 11.16 18.58 6.76
C MET A 555 11.61 18.31 5.32
N THR A 556 11.52 17.05 4.93
CA THR A 556 11.84 16.68 3.56
C THR A 556 11.13 15.38 3.21
N LEU A 557 10.76 15.23 1.94
CA LEU A 557 10.12 14.03 1.40
C LEU A 557 11.15 13.09 0.78
N ASP A 558 12.43 13.48 0.77
CA ASP A 558 13.50 12.68 0.16
C ASP A 558 13.44 11.24 0.70
N TYR A 559 13.27 10.28 -0.22
CA TYR A 559 13.14 8.89 0.20
C TYR A 559 14.43 8.35 0.84
N GLY A 560 15.56 9.01 0.59
CA GLY A 560 16.83 8.67 1.21
C GLY A 560 17.11 9.31 2.57
N ALA A 561 16.16 10.12 3.05
CA ALA A 561 16.33 10.79 4.35
C ALA A 561 15.90 9.84 5.47
N MET A 562 16.87 9.33 6.22
CA MET A 562 16.65 8.25 7.19
C MET A 562 16.41 8.66 8.64
N ASN A 563 16.68 9.92 8.96
CA ASN A 563 16.63 10.37 10.36
C ASN A 563 15.67 11.53 10.56
N THR A 564 14.65 11.63 9.73
CA THR A 564 13.84 12.85 9.72
C THR A 564 13.09 13.08 11.03
N TRP A 565 12.63 12.02 11.70
CA TRP A 565 11.90 12.24 12.97
C TRP A 565 12.79 12.76 14.08
N SER A 566 14.07 12.43 14.04
CA SER A 566 15.03 12.96 15.01
C SER A 566 15.48 14.37 14.64
N GLU A 567 15.55 14.66 13.35
CA GLU A 567 16.07 15.94 12.83
C GLU A 567 15.02 17.05 12.81
N ILE A 568 13.75 16.69 12.65
CA ILE A 568 12.70 17.68 12.43
C ILE A 568 12.45 18.50 13.70
N GLY A 569 12.19 19.78 13.55
CA GLY A 569 11.88 20.63 14.69
C GLY A 569 10.99 21.78 14.26
N VAL A 570 10.84 22.75 15.17
CA VAL A 570 10.09 23.98 14.89
C VAL A 570 10.94 25.19 15.27
N SER A 571 10.71 26.32 14.60
CA SER A 571 11.50 27.55 14.83
C SER A 571 10.82 28.52 15.78
N SER A 572 9.52 28.33 16.00
CA SER A 572 8.75 29.13 16.97
C SER A 572 7.60 28.30 17.49
N ALA A 573 7.03 28.73 18.61
CA ALA A 573 5.95 27.98 19.25
C ALA A 573 4.62 28.23 18.57
N LYS A 574 3.78 27.19 18.64
CA LYS A 574 2.41 27.23 18.16
C LYS A 574 1.55 28.09 19.08
N LEU A 575 0.60 28.83 18.51
CA LEU A 575 -0.35 29.60 19.34
C LEU A 575 -1.52 28.73 19.79
N SER B 1 7.20 2.42 0.56
CA SER B 1 7.06 1.73 1.88
C SER B 1 7.61 0.32 1.81
N LEU B 2 7.78 -0.31 2.96
CA LEU B 2 8.36 -1.63 2.97
C LEU B 2 7.36 -2.70 2.58
N SER B 3 6.09 -2.34 2.58
CA SER B 3 5.02 -3.26 2.19
C SER B 3 3.96 -2.52 1.34
N GLN B 4 3.18 -3.31 0.60
CA GLN B 4 1.96 -2.81 -0.06
C GLN B 4 0.93 -2.46 1.01
N SER B 5 0.32 -1.29 0.96
CA SER B 5 -0.73 -0.93 1.90
C SER B 5 -1.94 -0.31 1.16
N LEU B 6 -3.13 -0.65 1.62
CA LEU B 6 -4.35 -0.08 1.00
C LEU B 6 -4.54 1.43 1.35
N SER B 7 -4.74 2.23 0.31
N SER B 7 -4.80 2.20 0.29
CA SER B 7 -5.01 3.66 0.53
CA SER B 7 -5.03 3.64 0.43
C SER B 7 -6.49 3.96 0.34
C SER B 7 -6.52 4.00 0.23
N GLN B 8 -6.98 5.00 1.02
CA GLN B 8 -8.42 5.35 0.99
C GLN B 8 -8.80 6.05 -0.33
N SER B 9 -7.80 6.58 -1.02
CA SER B 9 -8.00 7.27 -2.30
C SER B 9 -6.75 7.11 -3.15
#